data_9D5F
#
_entry.id   9D5F
#
_cell.length_a   44.330
_cell.length_b   118.115
_cell.length_c   47.794
_cell.angle_alpha   90.000
_cell.angle_beta   101.591
_cell.angle_gamma   90.000
#
_symmetry.space_group_name_H-M   'P 1 21 1'
#
loop_
_entity.id
_entity.type
_entity.pdbx_description
1 polymer 'Integrin-linked protein kinase'
2 polymer Alpha-parvin
3 non-polymer 4-[(2,4-dichloro-5-methoxyphenyl)amino]-6-methoxy-7-[3-(4-methylpiperazin-1-yl)propoxy]quinoline-3-carbonitrile
4 non-polymer 2-[3-(2-HYDROXY-1,1-DIHYDROXYMETHYL-ETHYLAMINO)-PROPYLAMINO]-2-HYDROXYMETHYL-PROPANE-1,3-DIOL
5 water water
#
loop_
_entity_poly.entity_id
_entity_poly.type
_entity_poly.pdbx_seq_one_letter_code
_entity_poly.pdbx_strand_id
1 'polypeptide(L)'
;MNKHSGIDFKQLNFLTKLNENHSGELWKGRWQGNDIVVKVLKVRDWSTRKSRDFNEECPRLRIFSHPNVLPVLGACQSPP
APHPTLITHWMPYGSLYNVLHEGTNFVVDQSQAVKFALDMARGMAFLHTLEPLIPRHALNSRSVMIDEDMTARISMADVK
FSFQSPGRMYAPAWVAPEALQKKPEDTNRRSADMWSFAVLLWELVTREVPFADLSNMEIGMKVALEGLRPTIPPGISPHV
SKLMKICMNEDPAKRPKFDMIVPILEKMQDK
;
A
2 'polypeptide(L)'
;GSHMDAFDTLFDHAPDKLNVVKKTLITFVNKHLNKLNLEVTELETQFADGVYLVLLMGLLEGYFVPLHSFFLTPDSFEQK
VLNVSFAFELMQDGGLEKPKPRPEDIVNCDLKSTLRVLYNLFTKYRNVE
;
B
#
loop_
_chem_comp.id
_chem_comp.type
_chem_comp.name
_chem_comp.formula
B3P non-polymer 2-[3-(2-HYDROXY-1,1-DIHYDROXYMETHYL-ETHYLAMINO)-PROPYLAMINO]-2-HYDROXYMETHYL-PROPANE-1,3-DIOL 'C11 H26 N2 O6'
DB8 non-polymer 4-[(2,4-dichloro-5-methoxyphenyl)amino]-6-methoxy-7-[3-(4-methylpiperazin-1-yl)propoxy]quinoline-3-carbonitrile 'C26 H29 Cl2 N5 O3'
#
# COMPACT_ATOMS: atom_id res chain seq x y z
N MET A 1 17.67 12.20 -30.00
CA MET A 1 17.99 11.18 -29.01
C MET A 1 17.34 11.53 -27.67
N ASN A 2 17.24 10.56 -26.78
CA ASN A 2 16.56 10.79 -25.51
C ASN A 2 17.34 11.75 -24.62
N LYS A 3 16.61 12.47 -23.77
CA LYS A 3 17.27 13.37 -22.82
C LYS A 3 18.10 12.61 -21.80
N HIS A 4 17.58 11.47 -21.32
CA HIS A 4 18.25 10.65 -20.32
C HIS A 4 18.36 9.22 -20.81
N SER A 5 19.53 8.62 -20.60
CA SER A 5 19.67 7.19 -20.79
C SER A 5 19.37 6.42 -19.51
N GLY A 6 19.31 7.09 -18.36
CA GLY A 6 19.16 6.41 -17.10
C GLY A 6 20.46 5.74 -16.69
N ILE A 7 20.37 4.98 -15.61
CA ILE A 7 21.52 4.21 -15.12
C ILE A 7 21.65 2.95 -15.96
N ASP A 8 22.89 2.64 -16.34
CA ASP A 8 23.19 1.41 -17.06
C ASP A 8 23.07 0.21 -16.13
N PHE A 9 22.09 -0.67 -16.38
CA PHE A 9 21.89 -1.86 -15.57
C PHE A 9 23.15 -2.70 -15.48
N LYS A 10 23.97 -2.68 -16.53
CA LYS A 10 25.18 -3.54 -16.55
C LYS A 10 26.21 -3.03 -15.53
N GLN A 11 26.12 -1.78 -15.11
CA GLN A 11 27.04 -1.25 -14.12
C GLN A 11 26.61 -1.53 -12.69
N LEU A 12 25.46 -2.15 -12.48
CA LEU A 12 25.06 -2.44 -11.12
C LEU A 12 25.76 -3.70 -10.65
N ASN A 13 26.32 -3.64 -9.45
CA ASN A 13 26.84 -4.82 -8.77
C ASN A 13 25.82 -5.26 -7.74
N PHE A 14 25.12 -6.35 -8.03
CA PHE A 14 24.16 -6.91 -7.09
C PHE A 14 24.88 -7.77 -6.07
N LEU A 15 24.77 -7.43 -4.80
CA LEU A 15 25.49 -8.17 -3.77
C LEU A 15 24.60 -9.19 -3.06
N THR A 16 23.51 -8.75 -2.44
CA THR A 16 22.71 -9.64 -1.62
C THR A 16 21.25 -9.26 -1.72
N LYS A 17 20.39 -10.25 -1.87
CA LYS A 17 18.97 -9.98 -1.95
C LYS A 17 18.44 -9.71 -0.56
N LEU A 18 17.65 -8.64 -0.42
CA LEU A 18 17.09 -8.22 0.85
C LEU A 18 15.66 -8.72 1.04
N ASN A 19 14.81 -8.66 0.03
CA ASN A 19 13.48 -9.24 0.15
C ASN A 19 12.84 -9.33 -1.22
N GLU A 20 11.68 -9.97 -1.26
CA GLU A 20 10.92 -10.12 -2.48
C GLU A 20 9.46 -10.14 -2.08
N ASN A 21 8.63 -9.51 -2.89
CA ASN A 21 7.20 -9.54 -2.62
C ASN A 21 6.44 -9.25 -3.91
N HIS A 22 5.16 -8.87 -3.75
CA HIS A 22 4.27 -8.65 -4.89
C HIS A 22 4.83 -7.62 -5.86
N SER A 23 5.52 -6.60 -5.35
CA SER A 23 5.94 -5.49 -6.18
C SER A 23 7.32 -5.70 -6.77
N GLY A 24 8.03 -6.74 -6.36
CA GLY A 24 9.35 -6.95 -6.93
C GLY A 24 10.36 -7.36 -5.87
N GLU A 25 11.62 -7.02 -6.10
CA GLU A 25 12.72 -7.46 -5.26
C GLU A 25 13.56 -6.27 -4.82
N LEU A 26 14.10 -6.32 -3.61
CA LEU A 26 15.07 -5.36 -3.14
C LEU A 26 16.41 -6.05 -2.95
N TRP A 27 17.47 -5.41 -3.44
CA TRP A 27 18.85 -5.91 -3.38
C TRP A 27 19.75 -4.86 -2.78
N LYS A 28 20.71 -5.27 -1.96
CA LYS A 28 21.85 -4.42 -1.65
C LYS A 28 22.88 -4.55 -2.75
N GLY A 29 23.49 -3.42 -3.13
CA GLY A 29 24.46 -3.48 -4.19
C GLY A 29 25.41 -2.30 -4.17
N ARG A 30 26.15 -2.17 -5.26
CA ARG A 30 27.13 -1.12 -5.43
C ARG A 30 27.02 -0.56 -6.84
N TRP A 31 27.23 0.74 -6.99
CA TRP A 31 27.18 1.38 -8.31
C TRP A 31 28.03 2.64 -8.23
N GLN A 32 29.05 2.74 -9.07
CA GLN A 32 29.91 3.93 -9.19
C GLN A 32 30.35 4.46 -7.82
N GLY A 33 30.83 3.55 -6.98
CA GLY A 33 31.38 3.92 -5.69
C GLY A 33 30.35 4.17 -4.61
N ASN A 34 29.07 3.94 -4.89
CA ASN A 34 28.00 4.14 -3.93
C ASN A 34 27.52 2.80 -3.40
N ASP A 35 27.22 2.75 -2.10
CA ASP A 35 26.45 1.64 -1.54
C ASP A 35 24.97 1.94 -1.77
N ILE A 36 24.26 1.01 -2.44
CA ILE A 36 22.92 1.30 -2.94
C ILE A 36 21.96 0.18 -2.54
N VAL A 37 20.67 0.50 -2.67
CA VAL A 37 19.61 -0.48 -2.70
C VAL A 37 18.96 -0.41 -4.07
N VAL A 38 18.70 -1.58 -4.66
CA VAL A 38 18.10 -1.69 -5.98
C VAL A 38 16.71 -2.28 -5.81
N LYS A 39 15.69 -1.62 -6.35
CA LYS A 39 14.37 -2.21 -6.48
C LYS A 39 14.19 -2.67 -7.92
N VAL A 40 13.99 -3.97 -8.11
CA VAL A 40 13.65 -4.55 -9.41
C VAL A 40 12.13 -4.67 -9.41
N LEU A 41 11.45 -3.90 -10.24
CA LEU A 41 9.99 -3.84 -10.20
C LEU A 41 9.38 -5.00 -10.96
N LYS A 42 8.35 -5.59 -10.36
CA LYS A 42 7.56 -6.63 -10.99
C LYS A 42 6.29 -5.97 -11.48
N VAL A 43 6.05 -6.01 -12.79
CA VAL A 43 4.90 -5.32 -13.38
C VAL A 43 4.21 -6.29 -14.32
N ARG A 44 2.94 -6.56 -14.05
CA ARG A 44 2.17 -7.41 -14.94
C ARG A 44 1.85 -6.65 -16.23
N ASP A 45 1.96 -7.33 -17.36
CA ASP A 45 1.61 -6.76 -18.67
C ASP A 45 2.43 -5.49 -18.94
N TRP A 46 3.74 -5.61 -18.77
CA TRP A 46 4.64 -4.53 -19.13
C TRP A 46 4.47 -4.22 -20.61
N SER A 47 4.54 -2.95 -20.95
CA SER A 47 4.25 -2.52 -22.31
C SER A 47 5.12 -1.32 -22.64
N THR A 48 5.22 -1.01 -23.93
CA THR A 48 5.94 0.20 -24.35
C THR A 48 5.38 1.45 -23.70
N ARG A 49 4.04 1.55 -23.60
CA ARG A 49 3.41 2.69 -22.96
C ARG A 49 3.85 2.82 -21.50
N LYS A 50 3.79 1.72 -20.75
CA LYS A 50 4.19 1.77 -19.34
C LYS A 50 5.67 2.09 -19.19
N SER A 51 6.49 1.56 -20.11
CA SER A 51 7.93 1.86 -20.07
C SER A 51 8.19 3.34 -20.35
N ARG A 52 7.51 3.90 -21.36
CA ARG A 52 7.59 5.33 -21.61
C ARG A 52 7.20 6.12 -20.37
N ASP A 53 6.10 5.75 -19.73
CA ASP A 53 5.62 6.44 -18.54
C ASP A 53 6.62 6.33 -17.39
N PHE A 54 7.14 5.12 -17.15
CA PHE A 54 8.19 4.97 -16.15
C PHE A 54 9.34 5.95 -16.40
N ASN A 55 9.79 6.06 -17.65
CA ASN A 55 10.95 6.90 -17.93
C ASN A 55 10.60 8.38 -17.83
N GLU A 56 9.34 8.76 -18.05
CA GLU A 56 8.96 10.16 -17.86
C GLU A 56 8.80 10.52 -16.40
N GLU A 57 8.45 9.54 -15.57
CA GLU A 57 8.11 9.81 -14.17
C GLU A 57 9.30 9.71 -13.24
N CYS A 58 10.38 9.05 -13.66
CA CYS A 58 11.52 8.88 -12.75
C CYS A 58 12.34 10.14 -12.56
N PRO A 59 12.54 10.99 -13.58
CA PRO A 59 13.39 12.17 -13.35
C PRO A 59 12.90 13.05 -12.21
N ARG A 60 11.58 13.18 -12.00
CA ARG A 60 11.02 13.97 -10.90
C ARG A 60 11.52 13.51 -9.53
N LEU A 61 11.91 12.25 -9.42
CA LEU A 61 12.25 11.67 -8.14
C LEU A 61 13.69 11.94 -7.74
N ARG A 62 14.50 12.50 -8.63
CA ARG A 62 15.91 12.74 -8.34
C ARG A 62 16.06 14.10 -7.65
N ILE A 63 15.63 14.14 -6.40
CA ILE A 63 15.57 15.37 -5.62
C ILE A 63 16.77 15.43 -4.68
N PHE A 64 17.73 16.29 -5.01
CA PHE A 64 18.98 16.37 -4.26
C PHE A 64 19.06 17.61 -3.39
N SER A 65 17.97 18.37 -3.27
CA SER A 65 18.03 19.71 -2.73
C SER A 65 17.49 19.83 -1.31
N HIS A 66 17.18 18.72 -0.63
CA HIS A 66 16.66 18.87 0.72
C HIS A 66 17.14 17.73 1.61
N PRO A 67 17.70 18.00 2.79
CA PRO A 67 18.29 16.92 3.59
C PRO A 67 17.30 15.89 4.06
N ASN A 68 16.01 16.25 4.15
CA ASN A 68 15.00 15.31 4.62
C ASN A 68 14.23 14.67 3.48
N VAL A 69 14.79 14.68 2.28
CA VAL A 69 14.23 13.93 1.14
C VAL A 69 15.34 13.02 0.63
N LEU A 70 15.03 11.73 0.45
CA LEU A 70 15.98 10.78 -0.12
C LEU A 70 15.67 10.61 -1.60
N PRO A 71 16.57 11.00 -2.48
CA PRO A 71 16.27 10.89 -3.92
C PRO A 71 16.35 9.46 -4.40
N VAL A 72 15.66 9.22 -5.50
CA VAL A 72 16.09 8.16 -6.40
C VAL A 72 17.37 8.63 -7.08
N LEU A 73 18.43 7.85 -6.96
CA LEU A 73 19.65 8.23 -7.65
C LEU A 73 19.50 8.12 -9.14
N GLY A 74 18.74 7.13 -9.59
CA GLY A 74 18.49 6.94 -10.99
C GLY A 74 17.70 5.68 -11.17
N ALA A 75 17.40 5.39 -12.41
CA ALA A 75 16.52 4.30 -12.78
C ALA A 75 17.06 3.66 -14.04
N CYS A 76 16.82 2.37 -14.17
CA CYS A 76 17.19 1.63 -15.38
C CYS A 76 15.96 1.50 -16.25
N GLN A 77 16.09 1.96 -17.48
CA GLN A 77 15.01 1.88 -18.45
C GLN A 77 14.93 0.48 -19.02
N SER A 78 13.72 0.00 -19.21
CA SER A 78 13.48 -1.38 -19.64
C SER A 78 12.51 -1.39 -20.81
N PRO A 79 12.97 -1.64 -22.05
CA PRO A 79 14.33 -1.97 -22.48
C PRO A 79 15.24 -0.77 -22.34
N PRO A 80 16.56 -0.99 -22.33
CA PRO A 80 17.25 -2.27 -22.53
C PRO A 80 17.47 -3.12 -21.29
N ALA A 81 17.18 -2.61 -20.10
CA ALA A 81 17.38 -3.40 -18.90
C ALA A 81 16.35 -4.53 -18.83
N PRO A 82 16.66 -5.62 -18.12
CA PRO A 82 15.70 -6.73 -18.03
C PRO A 82 14.36 -6.34 -17.42
N HIS A 83 14.35 -5.40 -16.48
CA HIS A 83 13.16 -5.03 -15.75
C HIS A 83 13.30 -3.56 -15.40
N PRO A 84 12.19 -2.83 -15.26
CA PRO A 84 12.30 -1.47 -14.71
C PRO A 84 12.87 -1.53 -13.30
N THR A 85 13.81 -0.64 -13.01
CA THR A 85 14.64 -0.74 -11.82
C THR A 85 14.87 0.65 -11.24
N LEU A 86 14.79 0.79 -9.91
CA LEU A 86 15.05 2.03 -9.16
C LEU A 86 16.25 1.85 -8.25
N ILE A 87 17.07 2.89 -8.08
CA ILE A 87 18.24 2.83 -7.22
C ILE A 87 18.19 3.97 -6.21
N THR A 88 18.48 3.70 -4.94
CA THR A 88 18.71 4.73 -3.92
C THR A 88 20.00 4.41 -3.20
N HIS A 89 20.52 5.37 -2.44
CA HIS A 89 21.55 5.02 -1.48
C HIS A 89 21.01 4.08 -0.41
N TRP A 90 21.91 3.26 0.12
CA TRP A 90 21.61 2.40 1.25
C TRP A 90 21.54 3.23 2.51
N MET A 91 20.38 3.23 3.17
CA MET A 91 20.28 3.87 4.47
C MET A 91 20.52 2.88 5.59
N PRO A 92 21.59 3.08 6.38
CA PRO A 92 22.06 1.99 7.26
C PRO A 92 21.06 1.54 8.29
N TYR A 93 20.19 2.42 8.80
CA TYR A 93 19.20 2.01 9.79
C TYR A 93 17.91 1.51 9.18
N GLY A 94 17.77 1.57 7.84
CA GLY A 94 16.55 1.14 7.22
C GLY A 94 15.43 2.16 7.42
N SER A 95 14.21 1.66 7.45
CA SER A 95 13.05 2.53 7.55
C SER A 95 12.80 2.96 8.98
N LEU A 96 12.04 4.04 9.12
CA LEU A 96 11.55 4.43 10.44
C LEU A 96 10.80 3.26 11.08
N TYR A 97 10.05 2.50 10.29
CA TYR A 97 9.36 1.33 10.82
C TYR A 97 10.36 0.36 11.45
N ASN A 98 11.48 0.09 10.76
CA ASN A 98 12.49 -0.81 11.31
C ASN A 98 13.01 -0.27 12.63
N VAL A 99 13.31 1.03 12.66
CA VAL A 99 13.97 1.62 13.82
C VAL A 99 13.03 1.64 15.02
N LEU A 100 11.75 1.89 14.80
CA LEU A 100 10.80 1.97 15.90
C LEU A 100 10.32 0.60 16.37
N HIS A 101 10.10 -0.33 15.45
CA HIS A 101 9.38 -1.56 15.78
C HIS A 101 10.24 -2.80 15.69
N GLU A 102 11.39 -2.73 15.04
CA GLU A 102 12.27 -3.88 14.87
C GLU A 102 13.67 -3.55 15.35
N GLY A 103 13.76 -2.66 16.34
CA GLY A 103 15.01 -2.14 16.85
C GLY A 103 15.53 -2.97 17.99
N THR A 104 16.34 -3.97 17.65
CA THR A 104 16.75 -4.98 18.62
C THR A 104 17.89 -4.53 19.52
N ASN A 105 18.59 -3.46 19.14
CA ASN A 105 19.84 -3.07 19.80
C ASN A 105 19.68 -1.90 20.76
N PHE A 106 18.74 -0.99 20.50
CA PHE A 106 18.54 0.16 21.38
C PHE A 106 17.17 0.73 21.06
N VAL A 107 16.62 1.45 22.02
CA VAL A 107 15.33 2.09 21.85
C VAL A 107 15.57 3.59 21.67
N VAL A 108 15.13 4.14 20.53
CA VAL A 108 15.36 5.56 20.33
C VAL A 108 14.59 6.36 21.38
N ASP A 109 15.24 7.40 21.89
CA ASP A 109 14.60 8.14 22.96
C ASP A 109 13.63 9.17 22.40
N GLN A 110 12.90 9.83 23.29
CA GLN A 110 11.86 10.70 22.77
C GLN A 110 12.43 11.99 22.18
N SER A 111 13.63 12.42 22.60
CA SER A 111 14.27 13.53 21.91
C SER A 111 14.56 13.19 20.46
N GLN A 112 15.03 11.97 20.20
CA GLN A 112 15.23 11.52 18.84
C GLN A 112 13.90 11.41 18.09
N ALA A 113 12.86 10.93 18.77
CA ALA A 113 11.55 10.84 18.12
C ALA A 113 11.06 12.22 17.68
N VAL A 114 11.21 13.24 18.55
CA VAL A 114 10.79 14.58 18.17
C VAL A 114 11.62 15.09 17.00
N LYS A 115 12.90 14.73 16.95
CA LYS A 115 13.75 15.13 15.84
C LYS A 115 13.31 14.40 14.56
N PHE A 116 12.95 13.13 14.66
CA PHE A 116 12.38 12.45 13.50
C PHE A 116 11.15 13.18 12.99
N ALA A 117 10.27 13.60 13.91
CA ALA A 117 9.03 14.27 13.52
C ALA A 117 9.34 15.58 12.80
N LEU A 118 10.27 16.36 13.33
CA LEU A 118 10.67 17.61 12.69
C LEU A 118 11.28 17.36 11.31
N ASP A 119 12.18 16.37 11.20
CA ASP A 119 12.77 16.01 9.90
C ASP A 119 11.70 15.69 8.87
N MET A 120 10.74 14.84 9.27
CA MET A 120 9.69 14.41 8.34
C MET A 120 8.84 15.61 7.95
N ALA A 121 8.53 16.49 8.92
CA ALA A 121 7.70 17.65 8.61
C ALA A 121 8.41 18.60 7.66
N ARG A 122 9.72 18.78 7.85
CA ARG A 122 10.49 19.63 6.93
C ARG A 122 10.51 19.04 5.53
N GLY A 123 10.76 17.73 5.43
CA GLY A 123 10.79 17.12 4.10
C GLY A 123 9.45 17.20 3.40
N MET A 124 8.37 16.99 4.14
CA MET A 124 7.03 17.03 3.59
C MET A 124 6.66 18.47 3.19
N ALA A 125 7.03 19.45 4.01
CA ALA A 125 6.78 20.84 3.62
C ALA A 125 7.47 21.14 2.30
N PHE A 126 8.71 20.68 2.14
CA PHE A 126 9.41 20.92 0.89
C PHE A 126 8.70 20.23 -0.27
N LEU A 127 8.36 18.95 -0.11
CA LEU A 127 7.70 18.24 -1.19
C LEU A 127 6.38 18.91 -1.55
N HIS A 128 5.70 19.49 -0.56
CA HIS A 128 4.43 20.15 -0.85
C HIS A 128 4.59 21.48 -1.59
N THR A 129 5.82 21.99 -1.74
CA THR A 129 6.01 23.17 -2.59
C THR A 129 6.14 22.82 -4.05
N LEU A 130 6.28 21.54 -4.40
CA LEU A 130 6.52 21.19 -5.79
C LEU A 130 5.24 21.26 -6.59
N GLU A 131 5.37 21.71 -7.84
CA GLU A 131 4.23 21.88 -8.75
C GLU A 131 4.52 21.20 -10.07
N PRO A 132 3.74 20.18 -10.47
CA PRO A 132 2.69 19.60 -9.62
C PRO A 132 3.29 18.74 -8.52
N LEU A 133 2.44 18.32 -7.59
CA LEU A 133 2.84 17.34 -6.59
C LEU A 133 3.39 16.10 -7.27
N ILE A 134 4.40 15.51 -6.66
CA ILE A 134 4.87 14.20 -7.11
C ILE A 134 3.98 13.15 -6.47
N PRO A 135 3.29 12.34 -7.26
CA PRO A 135 2.44 11.28 -6.69
C PRO A 135 3.26 10.24 -5.93
N ARG A 136 2.84 9.95 -4.68
CA ARG A 136 3.42 8.89 -3.86
C ARG A 136 2.34 7.91 -3.43
N HIS A 137 2.74 6.69 -3.05
CA HIS A 137 1.75 5.68 -2.61
C HIS A 137 1.19 6.14 -1.27
N ALA A 138 2.09 6.56 -0.40
CA ALA A 138 1.69 7.06 0.90
C ALA A 138 2.88 7.48 1.75
N LEU A 139 2.68 8.48 2.60
CA LEU A 139 3.57 8.69 3.73
C LEU A 139 3.21 7.72 4.84
N ASN A 140 4.22 6.97 5.31
CA ASN A 140 4.03 6.06 6.43
C ASN A 140 5.42 5.71 6.95
N SER A 141 5.48 4.93 8.02
CA SER A 141 6.81 4.68 8.60
C SER A 141 7.69 3.77 7.74
N ARG A 142 7.12 3.04 6.77
CA ARG A 142 7.93 2.27 5.85
C ARG A 142 8.47 3.10 4.69
N SER A 143 7.94 4.31 4.45
CA SER A 143 8.42 5.13 3.34
C SER A 143 9.30 6.27 3.82
N VAL A 144 9.69 6.25 5.08
CA VAL A 144 10.67 7.17 5.65
C VAL A 144 11.89 6.36 6.00
N MET A 145 13.07 6.84 5.61
CA MET A 145 14.31 6.13 5.91
C MET A 145 15.18 6.90 6.86
N ILE A 146 16.04 6.17 7.56
CA ILE A 146 16.88 6.74 8.62
C ILE A 146 18.33 6.57 8.18
N ASP A 147 19.01 7.70 7.96
CA ASP A 147 20.35 7.72 7.40
C ASP A 147 21.40 7.50 8.51
N GLU A 148 22.67 7.53 8.10
CA GLU A 148 23.74 7.10 8.99
C GLU A 148 23.91 7.99 10.21
N ASP A 149 23.49 9.26 10.14
CA ASP A 149 23.51 10.16 11.28
C ASP A 149 22.15 10.27 11.95
N MET A 150 21.25 9.31 11.70
CA MET A 150 19.88 9.25 12.20
C MET A 150 18.98 10.36 11.65
N THR A 151 19.36 11.01 10.57
CA THR A 151 18.45 11.92 9.87
C THR A 151 17.32 11.14 9.23
N ALA A 152 16.08 11.55 9.48
CA ALA A 152 14.96 10.93 8.78
C ALA A 152 14.75 11.60 7.42
N ARG A 153 14.44 10.78 6.42
CA ARG A 153 14.34 11.26 5.05
C ARG A 153 13.15 10.61 4.35
N ILE A 154 12.32 11.41 3.71
CA ILE A 154 11.19 10.89 2.95
C ILE A 154 11.73 10.23 1.70
N SER A 155 11.43 8.95 1.47
CA SER A 155 11.99 8.29 0.29
C SER A 155 11.18 8.58 -0.96
N MET A 156 11.84 9.11 -1.98
CA MET A 156 11.18 9.26 -3.28
C MET A 156 11.01 7.95 -4.00
N ALA A 157 11.68 6.88 -3.55
CA ALA A 157 11.41 5.58 -4.16
C ALA A 157 10.00 5.04 -3.90
N ASP A 158 9.22 5.62 -2.95
CA ASP A 158 7.77 5.37 -2.74
C ASP A 158 6.88 6.00 -3.83
N VAL A 159 7.46 6.57 -4.86
CA VAL A 159 6.70 7.06 -6.00
C VAL A 159 5.57 6.11 -6.37
N LYS A 160 4.44 6.68 -6.79
CA LYS A 160 3.34 5.92 -7.38
C LYS A 160 3.35 6.25 -8.87
N PHE A 161 3.71 5.26 -9.69
CA PHE A 161 3.73 5.48 -11.13
C PHE A 161 2.32 5.32 -11.69
N SER A 162 2.09 6.00 -12.82
CA SER A 162 0.77 6.05 -13.44
C SER A 162 0.22 4.68 -13.77
N PHE A 163 1.08 3.65 -13.87
CA PHE A 163 0.63 2.31 -14.22
C PHE A 163 0.39 1.41 -13.01
N GLN A 164 0.84 1.79 -11.82
CA GLN A 164 0.80 0.86 -10.70
C GLN A 164 -0.61 0.82 -10.11
N SER A 165 -1.03 -0.38 -9.69
CA SER A 165 -2.42 -0.71 -9.38
C SER A 165 -2.96 0.10 -8.22
N PRO A 166 -3.80 1.11 -8.48
CA PRO A 166 -4.38 1.87 -7.37
C PRO A 166 -5.35 1.07 -6.51
N GLY A 167 -5.78 -0.11 -6.96
CA GLY A 167 -6.75 -0.92 -6.23
C GLY A 167 -6.23 -1.72 -5.06
N ARG A 168 -4.93 -1.70 -4.76
CA ARG A 168 -4.37 -2.51 -3.68
C ARG A 168 -3.59 -1.62 -2.72
N MET A 169 -4.11 -1.41 -1.53
CA MET A 169 -3.53 -0.52 -0.52
C MET A 169 -2.92 -1.31 0.63
N TYR A 170 -1.60 -1.20 0.83
CA TYR A 170 -0.91 -2.10 1.74
C TYR A 170 -0.59 -1.51 3.11
N ALA A 171 -0.74 -0.22 3.31
CA ALA A 171 -0.53 0.39 4.63
C ALA A 171 -1.68 1.35 4.94
N PRO A 172 -2.92 0.85 4.91
CA PRO A 172 -4.07 1.75 5.12
C PRO A 172 -4.11 2.43 6.48
N ALA A 173 -3.39 1.92 7.49
CA ALA A 173 -3.50 2.51 8.82
C ALA A 173 -3.01 3.97 8.86
N TRP A 174 -2.19 4.37 7.89
CA TRP A 174 -1.67 5.74 7.82
C TRP A 174 -2.46 6.62 6.86
N VAL A 175 -3.47 6.08 6.18
CA VAL A 175 -4.17 6.79 5.10
C VAL A 175 -5.38 7.54 5.65
N ALA A 176 -5.57 8.78 5.17
CA ALA A 176 -6.67 9.59 5.64
C ALA A 176 -8.01 8.96 5.26
N PRO A 177 -9.05 9.06 6.11
CA PRO A 177 -10.33 8.41 5.79
C PRO A 177 -10.86 8.80 4.42
N GLU A 178 -10.73 10.06 4.03
CA GLU A 178 -11.21 10.46 2.71
C GLU A 178 -10.43 9.77 1.59
N ALA A 179 -9.15 9.47 1.82
CA ALA A 179 -8.33 8.85 0.78
C ALA A 179 -8.57 7.36 0.68
N LEU A 180 -9.25 6.77 1.67
CA LEU A 180 -9.68 5.38 1.57
C LEU A 180 -10.90 5.24 0.68
N GLN A 181 -11.60 6.35 0.42
CA GLN A 181 -12.92 6.32 -0.19
C GLN A 181 -13.03 7.08 -1.49
N LYS A 182 -12.20 8.11 -1.71
CA LYS A 182 -12.35 9.00 -2.85
C LYS A 182 -11.11 8.95 -3.72
N LYS A 183 -11.32 9.16 -5.00
CA LYS A 183 -10.18 9.18 -5.93
C LYS A 183 -9.26 10.34 -5.57
N PRO A 184 -7.95 10.19 -5.78
CA PRO A 184 -7.02 11.27 -5.38
C PRO A 184 -7.37 12.62 -6.00
N GLU A 185 -7.81 12.63 -7.26
CA GLU A 185 -8.22 13.88 -7.89
C GLU A 185 -9.40 14.53 -7.18
N ASP A 186 -10.14 13.79 -6.36
CA ASP A 186 -11.25 14.37 -5.62
C ASP A 186 -10.90 14.64 -4.17
N THR A 187 -9.62 14.61 -3.80
CA THR A 187 -9.19 14.94 -2.46
C THR A 187 -8.11 16.00 -2.53
N ASN A 188 -7.91 16.66 -1.39
CA ASN A 188 -6.74 17.57 -1.22
C ASN A 188 -5.60 16.64 -0.78
N ARG A 189 -4.69 16.34 -1.66
CA ARG A 189 -3.66 15.35 -1.36
C ARG A 189 -2.72 15.85 -0.28
N ARG A 190 -2.49 17.17 -0.22
CA ARG A 190 -1.63 17.68 0.84
C ARG A 190 -2.24 17.47 2.21
N SER A 191 -3.55 17.73 2.34
CA SER A 191 -4.19 17.52 3.63
C SER A 191 -4.22 16.05 3.99
N ALA A 192 -4.37 15.17 3.00
CA ALA A 192 -4.35 13.73 3.29
C ALA A 192 -3.00 13.33 3.87
N ASP A 193 -1.91 13.92 3.37
CA ASP A 193 -0.59 13.64 3.92
C ASP A 193 -0.47 14.06 5.38
N MET A 194 -1.19 15.11 5.78
CA MET A 194 -1.11 15.54 7.18
C MET A 194 -1.73 14.49 8.10
N TRP A 195 -2.82 13.84 7.67
CA TRP A 195 -3.36 12.74 8.47
C TRP A 195 -2.29 11.68 8.67
N SER A 196 -1.58 11.33 7.59
CA SER A 196 -0.54 10.31 7.69
C SER A 196 0.51 10.73 8.71
N PHE A 197 0.86 12.01 8.72
CA PHE A 197 1.82 12.51 9.71
C PHE A 197 1.26 12.40 11.13
N ALA A 198 -0.04 12.66 11.30
CA ALA A 198 -0.65 12.48 12.62
C ALA A 198 -0.48 11.05 13.10
N VAL A 199 -0.65 10.07 12.20
CA VAL A 199 -0.50 8.68 12.61
C VAL A 199 0.97 8.38 12.93
N LEU A 200 1.88 8.99 12.18
CA LEU A 200 3.30 8.90 12.53
C LEU A 200 3.57 9.46 13.93
N LEU A 201 2.96 10.60 14.26
CA LEU A 201 3.09 11.11 15.63
C LEU A 201 2.58 10.09 16.64
N TRP A 202 1.43 9.48 16.36
CA TRP A 202 0.90 8.47 17.25
C TRP A 202 1.89 7.31 17.42
N GLU A 203 2.52 6.91 16.31
CA GLU A 203 3.47 5.82 16.32
C GLU A 203 4.71 6.18 17.13
N LEU A 204 5.17 7.44 17.02
CA LEU A 204 6.33 7.90 17.79
C LEU A 204 6.01 8.01 19.26
N VAL A 205 4.76 8.32 19.60
CA VAL A 205 4.35 8.41 21.00
C VAL A 205 4.15 7.03 21.62
N THR A 206 3.50 6.10 20.91
CA THR A 206 3.19 4.81 21.52
C THR A 206 4.24 3.74 21.28
N ARG A 207 5.10 3.90 20.26
CA ARG A 207 6.00 2.84 19.84
C ARG A 207 5.25 1.54 19.60
N GLU A 208 4.05 1.66 19.01
CA GLU A 208 3.24 0.56 18.55
C GLU A 208 2.92 0.75 17.07
N VAL A 209 2.73 -0.35 16.36
CA VAL A 209 2.20 -0.29 14.99
C VAL A 209 0.71 0.01 15.06
N PRO A 210 0.22 1.04 14.37
CA PRO A 210 -1.22 1.35 14.45
C PRO A 210 -2.08 0.21 13.95
N PHE A 211 -3.10 -0.13 14.74
CA PHE A 211 -4.05 -1.21 14.41
C PHE A 211 -3.32 -2.52 14.10
N ALA A 212 -2.27 -2.81 14.87
CA ALA A 212 -1.44 -3.97 14.57
C ALA A 212 -2.22 -5.28 14.62
N ASP A 213 -3.29 -5.32 15.40
CA ASP A 213 -4.07 -6.56 15.54
C ASP A 213 -4.98 -6.84 14.35
N LEU A 214 -5.10 -5.93 13.40
CA LEU A 214 -6.05 -6.07 12.31
C LEU A 214 -5.35 -6.23 10.97
N SER A 215 -6.00 -6.95 10.06
CA SER A 215 -5.51 -7.04 8.69
C SER A 215 -5.71 -5.71 7.97
N ASN A 216 -5.00 -5.53 6.87
CA ASN A 216 -5.12 -4.31 6.08
C ASN A 216 -6.56 -4.09 5.60
N MET A 217 -7.22 -5.16 5.18
CA MET A 217 -8.60 -4.99 4.74
C MET A 217 -9.52 -4.59 5.89
N GLU A 218 -9.37 -5.20 7.07
CA GLU A 218 -10.14 -4.77 8.23
C GLU A 218 -9.89 -3.30 8.55
N ILE A 219 -8.62 -2.88 8.53
CA ILE A 219 -8.32 -1.49 8.88
C ILE A 219 -9.01 -0.54 7.92
N GLY A 220 -8.85 -0.77 6.62
CA GLY A 220 -9.41 0.14 5.64
C GLY A 220 -10.92 0.23 5.73
N MET A 221 -11.59 -0.91 5.80
CA MET A 221 -13.05 -0.88 5.92
C MET A 221 -13.53 -0.27 7.24
N LYS A 222 -12.85 -0.55 8.35
CA LYS A 222 -13.31 -0.01 9.62
C LYS A 222 -13.03 1.49 9.75
N VAL A 223 -11.87 1.94 9.26
CA VAL A 223 -11.61 3.39 9.29
C VAL A 223 -12.56 4.12 8.35
N ALA A 224 -12.81 3.56 7.17
CA ALA A 224 -13.63 4.26 6.19
C ALA A 224 -15.10 4.25 6.57
N LEU A 225 -15.60 3.12 7.06
CA LEU A 225 -17.04 2.92 7.22
C LEU A 225 -17.53 2.86 8.64
N GLU A 226 -16.67 2.58 9.61
CA GLU A 226 -17.09 2.45 11.00
C GLU A 226 -16.42 3.45 11.94
N GLY A 227 -15.71 4.43 11.40
CA GLY A 227 -15.13 5.46 12.24
C GLY A 227 -14.00 5.03 13.15
N LEU A 228 -13.30 3.95 12.82
CA LEU A 228 -12.17 3.51 13.65
C LEU A 228 -11.05 4.53 13.58
N ARG A 229 -10.56 4.94 14.74
CA ARG A 229 -9.48 5.92 14.86
C ARG A 229 -8.48 5.44 15.90
N PRO A 230 -7.24 5.90 15.85
CA PRO A 230 -6.28 5.56 16.91
C PRO A 230 -6.74 6.15 18.24
N THR A 231 -6.51 5.41 19.32
CA THR A 231 -6.90 5.96 20.60
C THR A 231 -5.85 6.94 21.07
N ILE A 232 -6.29 8.08 21.57
CA ILE A 232 -5.32 9.07 22.03
C ILE A 232 -4.55 8.48 23.22
N PRO A 233 -3.22 8.51 23.20
CA PRO A 233 -2.46 7.83 24.24
C PRO A 233 -2.57 8.56 25.55
N PRO A 234 -2.63 7.83 26.66
CA PRO A 234 -2.67 8.47 27.98
C PRO A 234 -1.28 8.93 28.41
N GLY A 235 -1.28 9.83 29.38
CA GLY A 235 -0.05 10.24 30.01
C GLY A 235 0.91 10.99 29.12
N ILE A 236 0.40 11.72 28.14
CA ILE A 236 1.24 12.55 27.30
C ILE A 236 0.90 14.00 27.59
N SER A 237 1.83 14.89 27.25
CA SER A 237 1.64 16.30 27.53
C SER A 237 0.44 16.84 26.76
N PRO A 238 -0.27 17.83 27.31
CA PRO A 238 -1.36 18.44 26.54
C PRO A 238 -0.89 19.05 25.24
N HIS A 239 0.36 19.51 25.17
CA HIS A 239 0.88 20.09 23.94
C HIS A 239 0.96 19.03 22.83
N VAL A 240 1.49 17.86 23.16
CA VAL A 240 1.57 16.80 22.16
C VAL A 240 0.18 16.29 21.82
N SER A 241 -0.67 16.14 22.84
CA SER A 241 -2.06 15.77 22.62
C SER A 241 -2.73 16.72 21.64
N LYS A 242 -2.54 18.01 21.83
CA LYS A 242 -3.19 19.00 20.98
C LYS A 242 -2.66 18.92 19.56
N LEU A 243 -1.35 18.77 19.41
CA LEU A 243 -0.78 18.67 18.07
C LEU A 243 -1.31 17.46 17.33
N MET A 244 -1.35 16.31 18.00
CA MET A 244 -1.85 15.10 17.36
C MET A 244 -3.30 15.28 16.90
N LYS A 245 -4.13 15.91 17.75
CA LYS A 245 -5.54 16.09 17.43
C LYS A 245 -5.75 17.03 16.25
N ILE A 246 -5.01 18.13 16.17
CA ILE A 246 -5.21 19.05 15.05
C ILE A 246 -4.71 18.44 13.75
N CYS A 247 -3.63 17.66 13.79
CA CYS A 247 -3.15 17.04 12.56
C CYS A 247 -4.08 15.93 12.09
N MET A 248 -4.85 15.34 13.01
CA MET A 248 -5.80 14.28 12.70
C MET A 248 -7.23 14.80 12.66
N ASN A 249 -7.42 16.06 12.28
CA ASN A 249 -8.77 16.59 12.20
C ASN A 249 -9.58 15.82 11.15
N GLU A 250 -10.84 15.51 11.51
CA GLU A 250 -11.70 14.83 10.56
C GLU A 250 -11.92 15.67 9.31
N ASP A 251 -11.98 16.99 9.45
CA ASP A 251 -12.14 17.88 8.31
C ASP A 251 -10.77 18.15 7.69
N PRO A 252 -10.52 17.65 6.48
CA PRO A 252 -9.19 17.87 5.87
C PRO A 252 -8.79 19.34 5.79
N ALA A 253 -9.76 20.23 5.60
CA ALA A 253 -9.45 21.65 5.44
C ALA A 253 -8.98 22.29 6.73
N LYS A 254 -9.27 21.69 7.89
CA LYS A 254 -8.87 22.25 9.16
C LYS A 254 -7.52 21.72 9.63
N ARG A 255 -6.95 20.75 8.92
CA ARG A 255 -5.65 20.25 9.31
C ARG A 255 -4.61 21.31 8.97
N PRO A 256 -3.58 21.45 9.80
CA PRO A 256 -2.53 22.41 9.47
C PRO A 256 -1.72 21.97 8.26
N LYS A 257 -1.05 22.92 7.64
CA LYS A 257 -0.05 22.62 6.63
C LYS A 257 1.25 22.22 7.31
N PHE A 258 2.08 21.47 6.58
CA PHE A 258 3.37 21.07 7.15
C PHE A 258 4.21 22.27 7.52
N ASP A 259 4.15 23.34 6.72
CA ASP A 259 4.98 24.50 7.05
C ASP A 259 4.47 25.22 8.29
N MET A 260 3.26 24.92 8.74
CA MET A 260 2.78 25.46 10.01
C MET A 260 3.24 24.62 11.19
N ILE A 261 3.36 23.30 11.03
CA ILE A 261 3.80 22.52 12.17
C ILE A 261 5.31 22.45 12.32
N VAL A 262 6.09 22.78 11.28
CA VAL A 262 7.55 22.83 11.45
C VAL A 262 7.96 23.75 12.60
N PRO A 263 7.51 25.01 12.70
CA PRO A 263 7.94 25.82 13.85
C PRO A 263 7.42 25.30 15.18
N ILE A 264 6.27 24.63 15.22
CA ILE A 264 5.81 24.02 16.46
C ILE A 264 6.79 22.94 16.90
N LEU A 265 7.20 22.09 15.96
CA LEU A 265 8.13 21.02 16.31
C LEU A 265 9.52 21.55 16.61
N GLU A 266 9.95 22.63 15.95
CA GLU A 266 11.23 23.23 16.28
C GLU A 266 11.28 23.62 17.75
N LYS A 267 10.20 24.21 18.26
CA LYS A 267 10.15 24.62 19.66
C LYS A 267 10.15 23.42 20.61
N MET A 268 9.69 22.25 20.14
CA MET A 268 9.69 21.08 21.02
C MET A 268 11.04 20.36 21.06
N GLN A 269 12.01 20.78 20.25
CA GLN A 269 13.34 20.21 20.32
C GLN A 269 13.99 20.56 21.65
N ASP A 270 15.00 19.77 22.03
CA ASP A 270 15.86 20.18 23.13
C ASP A 270 16.76 21.35 22.73
N LYS A 271 16.92 21.60 21.43
CA LYS A 271 17.76 22.70 20.93
C LYS A 271 17.37 23.07 19.50
N ALA B 6 -11.70 -32.39 -14.54
CA ALA B 6 -11.17 -32.61 -13.19
C ALA B 6 -12.16 -32.10 -12.16
N PHE B 7 -12.21 -30.78 -11.99
CA PHE B 7 -13.22 -30.14 -11.16
C PHE B 7 -14.63 -30.45 -11.65
N ASP B 8 -14.78 -30.77 -12.94
CA ASP B 8 -16.08 -31.06 -13.53
C ASP B 8 -16.63 -32.43 -13.10
N THR B 9 -15.77 -33.37 -12.71
CA THR B 9 -16.24 -34.62 -12.13
C THR B 9 -16.69 -34.43 -10.68
N LEU B 10 -16.05 -33.50 -9.96
CA LEU B 10 -16.52 -33.13 -8.62
C LEU B 10 -17.87 -32.43 -8.66
N PHE B 11 -18.22 -31.80 -9.78
CA PHE B 11 -19.49 -31.08 -9.88
C PHE B 11 -20.65 -32.03 -10.19
N ASP B 12 -20.56 -32.74 -11.31
CA ASP B 12 -21.72 -33.44 -11.86
C ASP B 12 -21.92 -34.83 -11.26
N HIS B 13 -20.87 -35.65 -11.24
CA HIS B 13 -21.04 -37.06 -10.96
C HIS B 13 -20.38 -37.47 -9.64
N ALA B 14 -20.70 -36.70 -8.60
CA ALA B 14 -20.56 -37.06 -7.19
C ALA B 14 -21.34 -36.02 -6.37
N PRO B 15 -22.66 -35.92 -6.55
CA PRO B 15 -23.40 -34.78 -5.98
C PRO B 15 -23.31 -34.67 -4.48
N ASP B 16 -22.88 -35.72 -3.76
CA ASP B 16 -22.57 -35.56 -2.35
C ASP B 16 -21.13 -35.14 -2.11
N LYS B 17 -20.25 -35.31 -3.11
CA LYS B 17 -18.95 -34.65 -3.03
C LYS B 17 -19.05 -33.19 -3.46
N LEU B 18 -19.86 -32.91 -4.48
CA LEU B 18 -20.19 -31.54 -4.81
C LEU B 18 -20.71 -30.79 -3.59
N ASN B 19 -21.57 -31.43 -2.79
CA ASN B 19 -22.04 -30.82 -1.56
C ASN B 19 -20.92 -30.68 -0.54
N VAL B 20 -19.93 -31.58 -0.58
CA VAL B 20 -18.81 -31.48 0.36
C VAL B 20 -17.85 -30.38 -0.07
N VAL B 21 -17.62 -30.23 -1.37
CA VAL B 21 -16.83 -29.11 -1.86
C VAL B 21 -17.50 -27.80 -1.50
N LYS B 22 -18.83 -27.72 -1.66
CA LYS B 22 -19.56 -26.50 -1.37
C LYS B 22 -19.54 -26.19 0.13
N LYS B 23 -19.67 -27.22 0.98
CA LYS B 23 -19.53 -26.98 2.41
C LYS B 23 -18.11 -26.56 2.76
N THR B 24 -17.11 -27.08 2.04
CA THR B 24 -15.73 -26.68 2.27
C THR B 24 -15.52 -25.21 1.91
N LEU B 25 -16.02 -24.81 0.73
CA LEU B 25 -15.84 -23.44 0.27
C LEU B 25 -16.60 -22.46 1.17
N ILE B 26 -17.77 -22.85 1.65
CA ILE B 26 -18.54 -21.95 2.53
C ILE B 26 -17.77 -21.69 3.80
N THR B 27 -17.19 -22.73 4.40
CA THR B 27 -16.39 -22.54 5.61
C THR B 27 -15.20 -21.62 5.35
N PHE B 28 -14.53 -21.82 4.21
CA PHE B 28 -13.34 -21.04 3.88
C PHE B 28 -13.66 -19.56 3.70
N VAL B 29 -14.72 -19.24 2.95
CA VAL B 29 -14.97 -17.82 2.68
C VAL B 29 -15.42 -17.10 3.95
N ASN B 30 -16.14 -17.80 4.85
CA ASN B 30 -16.55 -17.20 6.10
C ASN B 30 -15.37 -16.97 7.04
N LYS B 31 -14.34 -17.83 6.97
CA LYS B 31 -13.15 -17.66 7.79
C LYS B 31 -12.61 -16.24 7.63
N HIS B 32 -12.70 -15.70 6.43
CA HIS B 32 -12.19 -14.37 6.13
C HIS B 32 -13.26 -13.29 6.20
N LEU B 33 -14.40 -13.49 5.53
CA LEU B 33 -15.41 -12.44 5.47
C LEU B 33 -16.03 -12.12 6.83
N ASN B 34 -16.01 -13.07 7.78
CA ASN B 34 -16.53 -12.78 9.12
C ASN B 34 -15.74 -11.66 9.80
N LYS B 35 -14.47 -11.48 9.41
CA LYS B 35 -13.65 -10.40 9.95
C LYS B 35 -14.20 -9.02 9.61
N LEU B 36 -15.00 -8.91 8.55
CA LEU B 36 -15.69 -7.68 8.20
C LEU B 36 -17.14 -7.71 8.66
N ASN B 37 -17.50 -8.71 9.47
CA ASN B 37 -18.88 -8.93 9.93
C ASN B 37 -19.81 -9.29 8.78
N LEU B 38 -19.27 -9.98 7.78
CA LEU B 38 -20.05 -10.48 6.66
C LEU B 38 -20.16 -12.00 6.77
N GLU B 39 -21.34 -12.52 6.47
CA GLU B 39 -21.59 -13.96 6.54
C GLU B 39 -22.10 -14.45 5.19
N VAL B 40 -21.58 -15.57 4.74
CA VAL B 40 -22.03 -16.23 3.52
C VAL B 40 -22.77 -17.50 3.91
N THR B 41 -24.00 -17.63 3.44
CA THR B 41 -24.79 -18.82 3.64
C THR B 41 -25.10 -19.55 2.33
N GLU B 42 -24.94 -18.88 1.19
CA GLU B 42 -25.45 -19.34 -0.10
C GLU B 42 -24.42 -19.01 -1.17
N LEU B 43 -23.73 -20.02 -1.71
CA LEU B 43 -22.80 -19.76 -2.80
C LEU B 43 -23.49 -19.51 -4.13
N GLU B 44 -24.80 -19.74 -4.23
CA GLU B 44 -25.46 -19.61 -5.52
C GLU B 44 -25.57 -18.16 -5.96
N THR B 45 -25.70 -17.24 -5.00
CA THR B 45 -25.96 -15.84 -5.33
C THR B 45 -25.09 -14.83 -4.61
N GLN B 46 -24.45 -15.18 -3.48
CA GLN B 46 -23.84 -14.13 -2.67
C GLN B 46 -22.51 -13.62 -3.23
N PHE B 47 -21.98 -14.23 -4.29
CA PHE B 47 -20.80 -13.70 -4.96
C PHE B 47 -21.11 -13.09 -6.32
N ALA B 48 -22.39 -13.08 -6.74
CA ALA B 48 -22.73 -12.67 -8.09
C ALA B 48 -22.45 -11.19 -8.35
N ASP B 49 -22.57 -10.33 -7.34
CA ASP B 49 -22.39 -8.91 -7.60
C ASP B 49 -20.93 -8.45 -7.50
N GLY B 50 -20.00 -9.37 -7.24
CA GLY B 50 -18.58 -9.07 -7.27
C GLY B 50 -18.01 -8.49 -5.99
N VAL B 51 -18.85 -8.00 -5.08
CA VAL B 51 -18.36 -7.28 -3.90
C VAL B 51 -17.59 -8.22 -2.98
N TYR B 52 -18.15 -9.38 -2.65
CA TYR B 52 -17.47 -10.27 -1.71
C TYR B 52 -16.19 -10.84 -2.31
N LEU B 53 -16.13 -11.03 -3.64
CA LEU B 53 -14.88 -11.49 -4.24
C LEU B 53 -13.78 -10.46 -4.07
N VAL B 54 -14.11 -9.18 -4.26
CA VAL B 54 -13.12 -8.12 -4.08
C VAL B 54 -12.65 -8.07 -2.63
N LEU B 55 -13.61 -8.09 -1.70
CA LEU B 55 -13.24 -8.05 -0.30
C LEU B 55 -12.45 -9.28 0.09
N LEU B 56 -12.82 -10.44 -0.45
CA LEU B 56 -12.10 -11.67 -0.15
C LEU B 56 -10.66 -11.60 -0.62
N MET B 57 -10.43 -11.09 -1.85
CA MET B 57 -9.05 -11.02 -2.36
C MET B 57 -8.17 -10.19 -1.44
N GLY B 58 -8.67 -9.05 -0.96
CA GLY B 58 -7.87 -8.25 -0.05
C GLY B 58 -7.60 -8.95 1.28
N LEU B 59 -8.61 -9.66 1.80
CA LEU B 59 -8.40 -10.44 3.02
C LEU B 59 -7.35 -11.53 2.82
N LEU B 60 -7.32 -12.14 1.64
CA LEU B 60 -6.42 -13.26 1.40
C LEU B 60 -5.01 -12.83 1.01
N GLU B 61 -4.87 -11.67 0.39
CA GLU B 61 -3.56 -11.22 -0.09
C GLU B 61 -3.06 -10.00 0.68
N GLY B 62 -3.77 -9.58 1.72
CA GLY B 62 -3.20 -8.64 2.67
C GLY B 62 -3.23 -7.17 2.27
N TYR B 63 -4.29 -6.74 1.58
CA TYR B 63 -4.44 -5.32 1.28
C TYR B 63 -5.89 -4.88 1.48
N PHE B 64 -6.06 -3.58 1.59
CA PHE B 64 -7.36 -2.93 1.51
C PHE B 64 -7.59 -2.50 0.07
N VAL B 65 -8.83 -2.60 -0.41
CA VAL B 65 -9.16 -2.13 -1.74
C VAL B 65 -9.89 -0.79 -1.60
N PRO B 66 -9.29 0.32 -2.03
CA PRO B 66 -9.96 1.62 -1.90
C PRO B 66 -11.37 1.60 -2.49
N LEU B 67 -12.31 2.21 -1.78
CA LEU B 67 -13.70 2.09 -2.17
C LEU B 67 -14.00 2.77 -3.51
N HIS B 68 -13.12 3.65 -3.97
CA HIS B 68 -13.31 4.24 -5.30
C HIS B 68 -12.87 3.32 -6.43
N SER B 69 -12.28 2.16 -6.14
CA SER B 69 -11.76 1.27 -7.16
C SER B 69 -12.79 0.27 -7.66
N PHE B 70 -13.93 0.16 -6.99
CA PHE B 70 -14.97 -0.77 -7.39
C PHE B 70 -16.29 -0.23 -6.84
N PHE B 71 -17.38 -0.97 -7.11
CA PHE B 71 -18.71 -0.53 -6.71
C PHE B 71 -19.12 -1.32 -5.48
N LEU B 72 -19.02 -0.70 -4.31
CA LEU B 72 -19.36 -1.41 -3.08
C LEU B 72 -20.84 -1.78 -3.03
N THR B 73 -21.69 -0.96 -3.66
CA THR B 73 -23.13 -1.22 -3.76
C THR B 73 -23.53 -1.08 -5.22
N PRO B 74 -23.24 -2.09 -6.03
CA PRO B 74 -23.47 -1.95 -7.48
C PRO B 74 -24.95 -1.78 -7.78
N ASP B 75 -25.26 -0.85 -8.69
CA ASP B 75 -26.64 -0.50 -8.97
C ASP B 75 -27.10 -0.94 -10.35
N SER B 76 -26.33 -1.79 -11.02
CA SER B 76 -26.67 -2.26 -12.36
C SER B 76 -25.94 -3.56 -12.65
N PHE B 77 -26.46 -4.29 -13.63
CA PHE B 77 -25.77 -5.48 -14.14
C PHE B 77 -24.36 -5.12 -14.59
N GLU B 78 -24.22 -3.96 -15.23
CA GLU B 78 -22.94 -3.55 -15.77
C GLU B 78 -21.92 -3.29 -14.66
N GLN B 79 -22.34 -2.68 -13.56
CA GLN B 79 -21.42 -2.45 -12.44
C GLN B 79 -21.01 -3.76 -11.78
N LYS B 80 -21.93 -4.73 -11.71
CA LYS B 80 -21.59 -6.03 -11.16
C LYS B 80 -20.56 -6.74 -12.02
N VAL B 81 -20.72 -6.66 -13.35
CA VAL B 81 -19.73 -7.24 -14.25
C VAL B 81 -18.37 -6.56 -14.08
N LEU B 82 -18.37 -5.22 -13.92
CA LEU B 82 -17.12 -4.52 -13.68
C LEU B 82 -16.46 -4.96 -12.37
N ASN B 83 -17.26 -5.17 -11.32
CA ASN B 83 -16.69 -5.66 -10.06
C ASN B 83 -16.06 -7.02 -10.24
N VAL B 84 -16.75 -7.92 -10.94
CA VAL B 84 -16.20 -9.26 -11.11
C VAL B 84 -14.93 -9.21 -11.97
N SER B 85 -14.94 -8.39 -13.03
CA SER B 85 -13.73 -8.23 -13.85
C SER B 85 -12.58 -7.70 -13.01
N PHE B 86 -12.85 -6.68 -12.18
CA PHE B 86 -11.83 -6.13 -11.29
C PHE B 86 -11.31 -7.20 -10.33
N ALA B 87 -12.21 -8.01 -9.76
CA ALA B 87 -11.78 -9.08 -8.88
C ALA B 87 -10.92 -10.09 -9.62
N PHE B 88 -11.24 -10.35 -10.88
CA PHE B 88 -10.41 -11.26 -11.67
C PHE B 88 -9.02 -10.65 -11.88
N GLU B 89 -8.94 -9.33 -12.08
CA GLU B 89 -7.63 -8.70 -12.18
C GLU B 89 -6.85 -8.85 -10.89
N LEU B 90 -7.50 -8.65 -9.73
CA LEU B 90 -6.83 -8.84 -8.45
C LEU B 90 -6.32 -10.27 -8.31
N MET B 91 -7.10 -11.25 -8.78
CA MET B 91 -6.63 -12.63 -8.73
C MET B 91 -5.35 -12.81 -9.54
N GLN B 92 -5.30 -12.24 -10.75
CA GLN B 92 -4.11 -12.37 -11.57
C GLN B 92 -2.93 -11.61 -10.97
N ASP B 93 -3.19 -10.44 -10.37
CA ASP B 93 -2.15 -9.71 -9.64
C ASP B 93 -1.48 -10.61 -8.62
N GLY B 94 -2.25 -11.46 -7.95
CA GLY B 94 -1.76 -12.34 -6.92
C GLY B 94 -1.19 -13.65 -7.40
N GLY B 95 -1.12 -13.88 -8.71
CA GLY B 95 -0.43 -15.02 -9.27
C GLY B 95 -1.31 -16.02 -9.98
N LEU B 96 -2.63 -16.00 -9.75
CA LEU B 96 -3.48 -16.97 -10.41
C LEU B 96 -3.56 -16.72 -11.91
N GLU B 97 -3.79 -17.79 -12.65
CA GLU B 97 -3.99 -17.65 -14.08
C GLU B 97 -5.34 -16.97 -14.32
N LYS B 98 -5.45 -16.33 -15.48
CA LYS B 98 -6.69 -15.68 -15.86
C LYS B 98 -7.85 -16.65 -15.66
N PRO B 99 -8.85 -16.31 -14.85
CA PRO B 99 -9.93 -17.28 -14.58
C PRO B 99 -10.70 -17.63 -15.85
N LYS B 100 -11.23 -18.87 -15.87
CA LYS B 100 -11.91 -19.37 -17.06
C LYS B 100 -13.25 -18.68 -17.30
N PRO B 101 -14.19 -18.60 -16.34
CA PRO B 101 -15.50 -18.03 -16.66
C PRO B 101 -15.40 -16.57 -17.09
N ARG B 102 -16.33 -16.16 -17.93
CA ARG B 102 -16.51 -14.76 -18.19
C ARG B 102 -17.05 -14.08 -16.93
N PRO B 103 -16.76 -12.79 -16.73
CA PRO B 103 -17.33 -12.11 -15.55
C PRO B 103 -18.84 -12.20 -15.51
N GLU B 104 -19.49 -12.09 -16.67
CA GLU B 104 -20.95 -12.20 -16.75
C GLU B 104 -21.45 -13.54 -16.23
N ASP B 105 -20.66 -14.60 -16.36
CA ASP B 105 -21.08 -15.91 -15.86
C ASP B 105 -21.27 -15.89 -14.35
N ILE B 106 -20.44 -15.13 -13.63
CA ILE B 106 -20.57 -15.02 -12.19
C ILE B 106 -21.80 -14.18 -11.84
N VAL B 107 -21.99 -13.06 -12.54
CA VAL B 107 -23.11 -12.19 -12.24
C VAL B 107 -24.43 -12.91 -12.49
N ASN B 108 -24.45 -13.82 -13.46
CA ASN B 108 -25.65 -14.59 -13.80
C ASN B 108 -25.83 -15.83 -12.94
N CYS B 109 -25.08 -15.96 -11.84
CA CYS B 109 -25.25 -17.04 -10.88
C CYS B 109 -25.11 -18.42 -11.51
N ASP B 110 -24.16 -18.56 -12.44
CA ASP B 110 -23.74 -19.89 -12.88
C ASP B 110 -22.98 -20.57 -11.75
N LEU B 111 -23.57 -21.61 -11.16
CA LEU B 111 -22.95 -22.22 -9.99
C LEU B 111 -21.60 -22.84 -10.34
N LYS B 112 -21.48 -23.44 -11.52
CA LYS B 112 -20.20 -24.04 -11.88
C LYS B 112 -19.12 -22.97 -12.03
N SER B 113 -19.42 -21.90 -12.79
CA SER B 113 -18.49 -20.79 -12.91
C SER B 113 -18.08 -20.25 -11.54
N THR B 114 -19.03 -20.18 -10.61
CA THR B 114 -18.76 -19.61 -9.30
C THR B 114 -17.87 -20.52 -8.46
N LEU B 115 -18.18 -21.83 -8.46
CA LEU B 115 -17.41 -22.75 -7.63
C LEU B 115 -16.00 -22.98 -8.19
N ARG B 116 -15.84 -22.91 -9.50
CA ARG B 116 -14.48 -22.98 -10.06
C ARG B 116 -13.63 -21.83 -9.54
N VAL B 117 -14.18 -20.62 -9.59
CA VAL B 117 -13.41 -19.46 -9.12
C VAL B 117 -13.11 -19.60 -7.64
N LEU B 118 -14.10 -19.98 -6.84
CA LEU B 118 -13.89 -20.10 -5.40
C LEU B 118 -12.94 -21.24 -5.08
N TYR B 119 -13.03 -22.34 -5.83
CA TYR B 119 -12.16 -23.48 -5.57
C TYR B 119 -10.70 -23.14 -5.82
N ASN B 120 -10.42 -22.37 -6.89
CA ASN B 120 -9.06 -21.96 -7.17
C ASN B 120 -8.51 -21.06 -6.06
N LEU B 121 -9.35 -20.16 -5.53
CA LEU B 121 -8.96 -19.39 -4.36
C LEU B 121 -8.71 -20.31 -3.16
N PHE B 122 -9.53 -21.34 -3.02
CA PHE B 122 -9.31 -22.28 -1.91
C PHE B 122 -8.03 -23.08 -2.09
N THR B 123 -7.78 -23.57 -3.31
CA THR B 123 -6.54 -24.32 -3.58
C THR B 123 -5.31 -23.51 -3.16
N LYS B 124 -5.34 -22.20 -3.39
CA LYS B 124 -4.17 -21.36 -3.18
C LYS B 124 -4.04 -20.89 -1.74
N TYR B 125 -5.15 -20.50 -1.10
CA TYR B 125 -5.11 -19.71 0.13
C TYR B 125 -5.66 -20.44 1.33
N ARG B 126 -5.81 -21.75 1.26
CA ARG B 126 -6.48 -22.46 2.35
C ARG B 126 -5.76 -22.29 3.69
N ASN B 127 -4.47 -21.97 3.70
CA ASN B 127 -3.72 -21.86 4.96
C ASN B 127 -3.53 -20.43 5.45
N VAL B 128 -4.02 -19.43 4.72
CA VAL B 128 -4.02 -18.06 5.20
C VAL B 128 -4.86 -17.98 6.47
N GLU B 129 -4.34 -17.29 7.49
CA GLU B 129 -4.98 -17.19 8.80
C GLU B 129 -5.89 -15.96 8.92
CAA DB8 C . 15.33 -3.77 3.00
O02 DB8 C . 14.28 1.52 -4.06
CAC DB8 C . 18.17 -2.29 7.82
NAD DB8 C . 14.47 4.08 -0.40
CL1 DB8 C . 11.43 1.33 -4.49
CL2 DB8 C . 11.18 0.26 0.74
CAG DB8 C . 15.07 3.30 0.20
CAH DB8 C . 17.06 2.81 1.51
CAI DB8 C . 11.50 0.82 -1.86
CAJ DB8 C . 14.26 1.07 -1.68
CAK DB8 C . 18.12 0.07 3.52
CAL DB8 C . 15.78 -1.07 2.44
CAM DB8 C . 19.40 -2.15 6.92
CAN DB8 C . 19.19 -1.25 5.72
CAO DB8 C . 18.16 -3.56 13.32
CAP DB8 C . 17.01 -3.05 9.79
CAQ DB8 C . 19.29 -2.32 9.97
CAR DB8 C . 17.14 -3.69 11.15
CAS DB8 C . 19.38 -2.99 11.31
NAT DB8 C . 17.78 2.07 2.31
NAU DB8 C . 14.17 0.56 0.69
OAV DB8 C . 16.33 -3.06 3.70
OAW DB8 C . 18.39 -1.96 4.76
CAX DB8 C . 13.62 1.26 -2.91
CAY DB8 C . 12.23 1.12 -2.97
CAZ DB8 C . 12.14 0.65 -0.65
CBA DB8 C . 15.85 2.33 0.92
CBB DB8 C . 13.52 0.78 -0.55
CBC DB8 C . 16.56 -1.77 3.32
CBD DB8 C . 17.75 -1.19 3.85
CBE DB8 C . 15.37 1.06 1.22
CBF DB8 C . 17.33 0.83 2.63
CBG DB8 C . 16.14 0.26 2.11
NBH DB8 C . 18.31 -3.00 9.10
NBI DB8 C . 18.08 -2.97 11.97
C01 DB8 C . 15.69 1.32 -4.08
C1 B3P D . -29.29 -8.23 -17.03
C2 B3P D . -28.61 -8.36 -18.38
C3 B3P D . -30.66 -8.88 -16.94
N1 B3P D . -30.61 -10.32 -17.18
C4 B3P D . -31.63 -11.16 -16.50
C5 B3P D . -31.55 -12.60 -17.03
C6 B3P D . -31.38 -11.13 -15.00
C7 B3P D . -33.03 -10.61 -16.76
N2 B3P D . -29.34 -7.67 -19.44
C8 B3P D . -28.59 -7.28 -20.67
C9 B3P D . -29.51 -6.46 -21.57
C10 B3P D . -27.37 -6.44 -20.27
C11 B3P D . -28.10 -8.50 -21.45
O1 B3P D . -28.81 -5.97 -22.70
O2 B3P D . -27.78 -5.28 -19.56
O3 B3P D . -27.00 -9.13 -20.83
O4 B3P D . -32.55 -13.43 -16.46
O5 B3P D . -30.00 -11.26 -14.70
O6 B3P D . -33.34 -10.55 -18.14
#